data_4HY5
#
_entry.id   4HY5
#
_cell.length_a   31.106
_cell.length_b   68.176
_cell.length_c   122.310
_cell.angle_alpha   90.00
_cell.angle_beta   90.00
_cell.angle_gamma   90.00
#
_symmetry.space_group_name_H-M   'P 21 21 21'
#
loop_
_entity.id
_entity.type
_entity.pdbx_description
1 polymer 'Baculoviral IAP repeat-containing protein 2'
2 non-polymer 'ZINC ION'
3 non-polymer (3S,7R,8aR)-2-{(2S)-2-(4,4-difluorocyclohexyl)-2-[(N-methyl-L-alanyl)amino]acetyl}-N-[(4R)-3,4-dihydro-2H-chromen-4-yl]-7-ethoxyoctahydropyrrolo[1,2-a]pyrazine-3-carboxamide
4 water water
#
_entity_poly.entity_id   1
_entity_poly.type   'polypeptide(L)'
_entity_poly.pdbx_seq_one_letter_code
;MGSSHHHHHHSSGENLYFQGGSSISNLSMQTHAARMRTFMYWPSSVPVQPEQLASAGFYYVGRNDDVKCFCCDGGLRCWE
SGDDPWVEHAKWFPRCEFLIRMKGQEFVDEIQGRY
;
_entity_poly.pdbx_strand_id   A,B
#
loop_
_chem_comp.id
_chem_comp.type
_chem_comp.name
_chem_comp.formula
1AQ non-polymer (3S,7R,8aR)-2-{(2S)-2-(4,4-difluorocyclohexyl)-2-[(N-methyl-L-alanyl)amino]acetyl}-N-[(4R)-3,4-dihydro-2H-chromen-4-yl]-7-ethoxyoctahydropyrrolo[1,2-a]pyrazine-3-carboxamide 'C31 H45 F2 N5 O5'
ZN non-polymer 'ZINC ION' 'Zn 2'
#
# COMPACT_ATOMS: atom_id res chain seq x y z
N GLY A 21 -4.94 14.33 18.22
CA GLY A 21 -5.95 13.65 17.37
C GLY A 21 -5.37 13.02 16.12
N SER A 22 -6.11 13.12 15.02
CA SER A 22 -5.73 12.55 13.75
C SER A 22 -4.49 13.23 13.13
N SER A 23 -3.62 12.43 12.50
CA SER A 23 -2.42 12.94 11.86
C SER A 23 -2.71 13.69 10.54
N ILE A 24 -3.94 13.55 10.04
CA ILE A 24 -4.35 14.12 8.74
C ILE A 24 -4.18 15.64 8.77
N SER A 25 -3.56 16.21 7.75
CA SER A 25 -3.36 17.67 7.66
C SER A 25 -4.63 18.47 7.39
N ASN A 26 -5.44 17.99 6.45
CA ASN A 26 -6.67 18.69 6.10
C ASN A 26 -7.85 17.73 6.12
N LEU A 27 -8.53 17.68 7.27
CA LEU A 27 -9.66 16.77 7.47
C LEU A 27 -10.81 17.05 6.48
N SER A 28 -11.00 18.30 6.08
CA SER A 28 -12.11 18.64 5.18
C SER A 28 -11.87 18.04 3.79
N MET A 29 -10.64 17.59 3.53
CA MET A 29 -10.25 17.10 2.22
C MET A 29 -9.98 15.59 2.21
N GLN A 30 -10.47 14.90 3.24
CA GLN A 30 -10.20 13.47 3.36
C GLN A 30 -10.99 12.61 2.35
N THR A 31 -12.11 13.11 1.84
CA THR A 31 -12.86 12.37 0.82
C THR A 31 -12.48 12.77 -0.60
N HIS A 32 -12.47 11.79 -1.51
CA HIS A 32 -12.26 12.05 -2.94
C HIS A 32 -13.24 13.07 -3.50
N ALA A 33 -14.50 12.97 -3.10
CA ALA A 33 -15.53 13.90 -3.54
C ALA A 33 -15.19 15.35 -3.21
N ALA A 34 -14.78 15.60 -1.96
CA ALA A 34 -14.41 16.96 -1.52
C ALA A 34 -13.17 17.50 -2.25
N ARG A 35 -12.18 16.63 -2.46
CA ARG A 35 -11.00 17.03 -3.24
C ARG A 35 -11.38 17.43 -4.66
N MET A 36 -12.24 16.64 -5.29
CA MET A 36 -12.72 16.98 -6.63
C MET A 36 -13.40 18.35 -6.67
N ARG A 37 -14.13 18.74 -5.62
CA ARG A 37 -14.86 20.01 -5.64
C ARG A 37 -13.92 21.22 -5.71
N THR A 38 -12.70 21.06 -5.19
CA THR A 38 -11.72 22.14 -5.21
C THR A 38 -11.22 22.50 -6.60
N PHE A 39 -11.39 21.58 -7.56
CA PHE A 39 -10.92 21.77 -8.95
C PHE A 39 -11.86 22.53 -9.89
N MET A 40 -12.91 23.12 -9.34
CA MET A 40 -13.85 23.90 -10.16
C MET A 40 -13.15 24.98 -11.00
N TYR A 41 -12.16 25.65 -10.42
CA TYR A 41 -11.40 26.70 -11.12
C TYR A 41 -10.01 26.21 -11.63
N TRP A 42 -9.77 24.90 -11.67
CA TRP A 42 -8.51 24.37 -12.17
C TRP A 42 -8.32 24.79 -13.60
N PRO A 43 -7.14 25.35 -13.96
CA PRO A 43 -7.02 25.85 -15.33
C PRO A 43 -7.01 24.69 -16.33
N SER A 44 -7.86 24.79 -17.34
CA SER A 44 -8.01 23.72 -18.35
C SER A 44 -6.74 23.52 -19.19
N SER A 45 -5.84 24.50 -19.17
CA SER A 45 -4.56 24.40 -19.86
C SER A 45 -3.58 23.38 -19.25
N VAL A 46 -3.76 23.08 -17.96
CA VAL A 46 -2.86 22.14 -17.27
C VAL A 46 -3.07 20.71 -17.83
N PRO A 47 -1.98 20.00 -18.19
CA PRO A 47 -2.19 18.69 -18.84
C PRO A 47 -2.64 17.55 -17.90
N VAL A 48 -2.46 17.71 -16.60
CA VAL A 48 -2.92 16.70 -15.64
C VAL A 48 -4.35 17.05 -15.18
N GLN A 49 -5.23 16.03 -15.15
CA GLN A 49 -6.66 16.19 -14.84
C GLN A 49 -6.97 16.08 -13.33
N PRO A 50 -8.01 16.80 -12.87
CA PRO A 50 -8.49 16.75 -11.49
C PRO A 50 -8.68 15.32 -11.00
N GLU A 51 -9.29 14.46 -11.81
CA GLU A 51 -9.51 13.08 -11.38
C GLU A 51 -8.19 12.39 -10.95
N GLN A 52 -7.12 12.56 -11.72
CA GLN A 52 -5.84 11.91 -11.42
C GLN A 52 -5.22 12.47 -10.13
N LEU A 53 -5.40 13.76 -9.93
CA LEU A 53 -4.83 14.46 -8.76
C LEU A 53 -5.59 14.10 -7.48
N ALA A 54 -6.92 14.18 -7.53
CA ALA A 54 -7.76 13.87 -6.38
C ALA A 54 -7.57 12.43 -5.96
N SER A 55 -7.45 11.52 -6.91
CA SER A 55 -7.21 10.10 -6.61
C SER A 55 -5.91 9.86 -5.83
N ALA A 56 -4.91 10.71 -6.08
CA ALA A 56 -3.62 10.59 -5.43
C ALA A 56 -3.52 11.41 -4.16
N GLY A 57 -4.67 11.91 -3.68
CA GLY A 57 -4.75 12.62 -2.39
C GLY A 57 -4.65 14.14 -2.46
N PHE A 58 -4.55 14.66 -3.68
CA PHE A 58 -4.30 16.10 -3.90
C PHE A 58 -5.58 16.91 -4.08
N TYR A 59 -5.57 18.14 -3.54
CA TYR A 59 -6.63 19.10 -3.79
C TYR A 59 -6.03 20.45 -4.22
N TYR A 60 -6.83 21.25 -4.94
CA TYR A 60 -6.38 22.53 -5.49
C TYR A 60 -6.42 23.60 -4.43
N VAL A 61 -5.33 24.34 -4.29
CA VAL A 61 -5.29 25.45 -3.31
C VAL A 61 -5.68 26.83 -3.87
N GLY A 62 -6.07 26.88 -5.14
CA GLY A 62 -6.65 28.07 -5.72
C GLY A 62 -5.64 29.07 -6.30
N ARG A 63 -4.38 28.65 -6.43
CA ARG A 63 -3.34 29.51 -7.05
C ARG A 63 -2.63 28.72 -8.13
N ASN A 64 -2.49 29.30 -9.32
CA ASN A 64 -1.73 28.67 -10.43
C ASN A 64 -2.15 27.20 -10.64
N ASP A 65 -1.19 26.25 -10.61
CA ASP A 65 -1.52 24.83 -10.62
C ASP A 65 -1.01 24.13 -9.34
N ASP A 66 -0.99 24.87 -8.24
CA ASP A 66 -0.53 24.37 -6.93
C ASP A 66 -1.56 23.43 -6.29
N VAL A 67 -1.11 22.22 -5.91
CA VAL A 67 -1.95 21.28 -5.16
C VAL A 67 -1.21 20.85 -3.89
N LYS A 68 -1.98 20.43 -2.89
CA LYS A 68 -1.44 19.88 -1.64
C LYS A 68 -2.12 18.56 -1.32
N CYS A 69 -1.37 17.66 -0.69
CA CYS A 69 -1.96 16.40 -0.17
C CYS A 69 -2.73 16.61 1.13
N PHE A 70 -3.93 16.03 1.22
CA PHE A 70 -4.76 16.18 2.42
C PHE A 70 -4.14 15.54 3.65
N CYS A 71 -3.32 14.52 3.44
CA CYS A 71 -2.77 13.72 4.56
C CYS A 71 -1.44 14.37 5.03
N CYS A 72 -0.45 14.46 4.13
CA CYS A 72 0.93 14.84 4.49
C CYS A 72 1.26 16.33 4.31
N ASP A 73 0.35 17.06 3.67
CA ASP A 73 0.49 18.50 3.38
C ASP A 73 1.61 18.81 2.37
N GLY A 74 2.09 17.79 1.66
CA GLY A 74 3.08 17.97 0.61
C GLY A 74 2.48 18.76 -0.55
N GLY A 75 3.22 19.76 -1.04
CA GLY A 75 2.72 20.58 -2.17
C GLY A 75 3.49 20.36 -3.46
N LEU A 76 2.76 20.28 -4.56
CA LEU A 76 3.35 20.12 -5.90
C LEU A 76 2.80 21.16 -6.87
N ARG A 77 3.65 21.54 -7.83
CA ARG A 77 3.23 22.47 -8.89
C ARG A 77 3.97 22.20 -10.18
N CYS A 78 3.65 23.00 -11.20
CA CYS A 78 4.30 22.95 -12.53
C CYS A 78 4.16 21.55 -13.13
N TRP A 79 2.93 21.08 -13.18
CA TRP A 79 2.54 19.80 -13.79
C TRP A 79 2.77 19.77 -15.26
N GLU A 80 3.36 18.69 -15.74
CA GLU A 80 3.70 18.56 -17.15
C GLU A 80 3.07 17.32 -17.76
N SER A 81 2.91 17.33 -19.09
CA SER A 81 2.27 16.21 -19.77
C SER A 81 3.02 14.92 -19.44
N GLY A 82 2.26 13.91 -19.06
CA GLY A 82 2.85 12.61 -18.76
C GLY A 82 3.21 12.44 -17.28
N ASP A 83 3.10 13.51 -16.49
CA ASP A 83 3.29 13.39 -15.03
C ASP A 83 2.23 12.48 -14.42
N ASP A 84 2.66 11.58 -13.54
CA ASP A 84 1.77 10.70 -12.82
C ASP A 84 1.78 11.18 -11.37
N PRO A 85 0.63 11.71 -10.87
CA PRO A 85 0.57 12.23 -9.51
C PRO A 85 0.99 11.22 -8.43
N TRP A 86 0.72 9.92 -8.65
CA TRP A 86 1.13 8.92 -7.66
C TRP A 86 2.63 8.77 -7.60
N VAL A 87 3.26 8.79 -8.76
CA VAL A 87 4.71 8.71 -8.84
C VAL A 87 5.33 9.95 -8.17
N GLU A 88 4.81 11.13 -8.49
CA GLU A 88 5.32 12.38 -7.86
C GLU A 88 5.15 12.35 -6.33
N HIS A 89 4.02 11.83 -5.87
CA HIS A 89 3.74 11.70 -4.42
C HIS A 89 4.83 10.87 -3.74
N ALA A 90 5.19 9.75 -4.36
CA ALA A 90 6.21 8.85 -3.81
C ALA A 90 7.63 9.39 -3.95
N LYS A 91 7.89 10.15 -5.01
CA LYS A 91 9.21 10.73 -5.23
C LYS A 91 9.57 11.77 -4.14
N TRP A 92 8.61 12.65 -3.81
CA TRP A 92 8.88 13.79 -2.92
C TRP A 92 8.44 13.61 -1.50
N PHE A 93 7.39 12.81 -1.29
CA PHE A 93 6.75 12.65 0.04
C PHE A 93 6.56 11.18 0.40
N PRO A 94 7.67 10.42 0.42
CA PRO A 94 7.60 8.97 0.56
C PRO A 94 7.03 8.45 1.89
N ARG A 95 7.04 9.27 2.95
CA ARG A 95 6.53 8.81 4.25
C ARG A 95 5.06 9.16 4.52
N CYS A 96 4.36 9.63 3.50
CA CYS A 96 2.93 9.98 3.63
C CYS A 96 2.11 8.70 3.94
N GLU A 97 1.29 8.71 5.00
CA GLU A 97 0.53 7.48 5.35
C GLU A 97 -0.52 7.09 4.29
N PHE A 98 -1.14 8.11 3.67
CA PHE A 98 -2.16 7.86 2.64
C PHE A 98 -1.53 7.18 1.44
N LEU A 99 -0.40 7.72 0.99
CA LEU A 99 0.38 7.08 -0.10
C LEU A 99 0.72 5.62 0.20
N ILE A 100 1.27 5.38 1.38
CA ILE A 100 1.70 4.02 1.76
C ILE A 100 0.49 3.07 1.79
N ARG A 101 -0.62 3.50 2.38
CA ARG A 101 -1.78 2.60 2.46
C ARG A 101 -2.45 2.36 1.10
N MET A 102 -2.38 3.34 0.21
CA MET A 102 -3.05 3.18 -1.09
C MET A 102 -2.21 2.40 -2.08
N LYS A 103 -0.92 2.66 -2.09
CA LYS A 103 -0.05 2.10 -3.13
C LYS A 103 0.88 1.04 -2.60
N GLY A 104 1.15 1.08 -1.30
CA GLY A 104 2.03 0.10 -0.63
C GLY A 104 3.48 0.55 -0.52
N GLN A 105 4.17 0.09 0.52
CA GLN A 105 5.57 0.42 0.70
C GLN A 105 6.45 -0.10 -0.46
N GLU A 106 6.07 -1.23 -1.06
CA GLU A 106 6.83 -1.76 -2.22
C GLU A 106 6.87 -0.75 -3.39
N PHE A 107 5.73 -0.12 -3.68
CA PHE A 107 5.66 0.95 -4.69
C PHE A 107 6.54 2.14 -4.33
N VAL A 108 6.41 2.61 -3.09
CA VAL A 108 7.20 3.76 -2.65
C VAL A 108 8.70 3.43 -2.76
N ASP A 109 9.09 2.24 -2.32
CA ASP A 109 10.48 1.84 -2.37
C ASP A 109 11.01 1.80 -3.80
N GLU A 110 10.18 1.35 -4.74
CA GLU A 110 10.55 1.28 -6.16
C GLU A 110 10.81 2.67 -6.75
N ILE A 111 9.90 3.61 -6.47
CA ILE A 111 10.03 4.99 -6.96
C ILE A 111 11.26 5.64 -6.34
N GLN A 112 11.41 5.50 -5.01
CA GLN A 112 12.56 6.02 -4.28
C GLN A 112 13.89 5.49 -4.81
N GLY A 113 13.89 4.22 -5.25
CA GLY A 113 15.09 3.57 -5.76
C GLY A 113 15.55 4.07 -7.13
N ARG A 114 14.72 4.86 -7.79
CA ARG A 114 15.12 5.59 -9.00
C ARG A 114 16.02 6.81 -8.71
N TYR A 115 16.09 7.21 -7.44
CA TYR A 115 16.83 8.40 -7.02
C TYR A 115 17.70 8.17 -5.78
N ASN B 26 3.56 -14.19 19.01
CA ASN B 26 2.81 -13.32 18.05
C ASN B 26 3.44 -11.93 18.00
N LEU B 27 3.69 -11.38 19.18
CA LEU B 27 4.26 -10.04 19.27
C LEU B 27 5.74 -10.11 18.92
N SER B 28 6.38 -11.21 19.33
CA SER B 28 7.76 -11.45 18.91
C SER B 28 7.81 -11.87 17.44
N MET B 29 6.65 -11.86 16.76
CA MET B 29 6.55 -12.22 15.34
C MET B 29 6.42 -11.00 14.43
N GLN B 30 6.56 -9.82 15.02
CA GLN B 30 6.48 -8.58 14.25
C GLN B 30 7.71 -8.34 13.37
N THR B 31 8.82 -9.03 13.62
CA THR B 31 9.99 -8.86 12.75
C THR B 31 10.15 -10.03 11.79
N HIS B 32 10.65 -9.73 10.60
CA HIS B 32 10.96 -10.75 9.60
C HIS B 32 11.88 -11.83 10.12
N ALA B 33 12.96 -11.43 10.80
CA ALA B 33 13.91 -12.43 11.30
C ALA B 33 13.26 -13.42 12.27
N ALA B 34 12.40 -12.92 13.15
CA ALA B 34 11.75 -13.78 14.15
C ALA B 34 10.80 -14.74 13.46
N ARG B 35 10.12 -14.26 12.43
CA ARG B 35 9.24 -15.15 11.64
C ARG B 35 10.05 -16.27 10.95
N MET B 36 11.19 -15.91 10.38
CA MET B 36 12.08 -16.88 9.70
C MET B 36 12.53 -17.98 10.66
N ARG B 37 12.85 -17.60 11.89
CA ARG B 37 13.29 -18.56 12.91
C ARG B 37 12.24 -19.63 13.24
N THR B 38 10.95 -19.30 13.14
CA THR B 38 9.91 -20.31 13.37
C THR B 38 9.93 -21.46 12.34
N PHE B 39 10.60 -21.26 11.21
CA PHE B 39 10.65 -22.29 10.14
C PHE B 39 11.75 -23.35 10.28
N MET B 40 12.39 -23.38 11.44
CA MET B 40 13.40 -24.38 11.83
C MET B 40 12.98 -25.82 11.43
N TYR B 41 11.76 -26.21 11.83
CA TYR B 41 11.23 -27.57 11.59
C TYR B 41 10.12 -27.62 10.50
N TRP B 42 10.14 -26.66 9.57
CA TRP B 42 9.28 -26.67 8.37
C TRP B 42 9.59 -27.85 7.50
N PRO B 43 8.57 -28.64 7.13
CA PRO B 43 8.83 -29.83 6.30
C PRO B 43 9.37 -29.49 4.91
N SER B 44 10.50 -30.11 4.55
CA SER B 44 11.19 -29.87 3.26
C SER B 44 10.38 -30.24 2.00
N SER B 45 9.40 -31.13 2.14
CA SER B 45 8.53 -31.48 1.01
C SER B 45 7.38 -30.48 0.68
N VAL B 46 7.11 -29.50 1.54
CA VAL B 46 6.10 -28.47 1.21
C VAL B 46 6.64 -27.61 0.06
N PRO B 47 5.79 -27.37 -0.98
CA PRO B 47 6.24 -26.69 -2.19
C PRO B 47 6.20 -25.14 -2.12
N VAL B 48 6.33 -24.58 -0.92
CA VAL B 48 6.44 -23.12 -0.70
C VAL B 48 7.55 -22.91 0.33
N GLN B 49 8.38 -21.88 0.11
CA GLN B 49 9.61 -21.68 0.90
C GLN B 49 9.42 -20.72 2.07
N PRO B 50 10.12 -20.97 3.19
CA PRO B 50 10.00 -20.07 4.33
C PRO B 50 10.21 -18.59 3.99
N GLU B 51 11.19 -18.26 3.16
CA GLU B 51 11.45 -16.87 2.80
C GLU B 51 10.20 -16.15 2.25
N GLN B 52 9.51 -16.82 1.32
CA GLN B 52 8.30 -16.23 0.72
C GLN B 52 7.21 -16.02 1.77
N LEU B 53 7.09 -16.96 2.70
CA LEU B 53 6.06 -16.93 3.71
C LEU B 53 6.31 -15.82 4.74
N ALA B 54 7.50 -15.81 5.31
CA ALA B 54 7.87 -14.80 6.29
C ALA B 54 7.78 -13.38 5.73
N SER B 55 8.15 -13.22 4.47
CA SER B 55 8.06 -11.92 3.80
C SER B 55 6.62 -11.44 3.76
N ALA B 56 5.69 -12.38 3.62
CA ALA B 56 4.27 -12.01 3.52
C ALA B 56 3.58 -11.92 4.88
N GLY B 57 4.35 -11.95 5.97
CA GLY B 57 3.78 -11.78 7.28
C GLY B 57 3.58 -13.05 8.06
N PHE B 58 3.88 -14.21 7.45
CA PHE B 58 3.50 -15.49 8.07
C PHE B 58 4.62 -16.12 8.87
N TYR B 59 4.21 -16.79 9.94
CA TYR B 59 5.15 -17.63 10.73
C TYR B 59 4.57 -19.03 10.93
N TYR B 60 5.47 -19.98 11.17
CA TYR B 60 5.09 -21.38 11.30
C TYR B 60 4.55 -21.68 12.70
N VAL B 61 3.38 -22.29 12.79
CA VAL B 61 2.81 -22.60 14.10
C VAL B 61 3.31 -23.93 14.69
N GLY B 62 4.05 -24.69 13.90
CA GLY B 62 4.69 -25.92 14.37
C GLY B 62 3.89 -27.20 14.19
N ARG B 63 2.83 -27.13 13.38
CA ARG B 63 2.05 -28.29 13.01
C ARG B 63 1.83 -28.33 11.51
N ASN B 64 2.14 -29.48 10.89
CA ASN B 64 1.91 -29.68 9.45
C ASN B 64 2.51 -28.54 8.60
N ASP B 65 1.70 -27.87 7.78
CA ASP B 65 2.18 -26.67 7.08
C ASP B 65 1.38 -25.42 7.44
N ASP B 66 0.85 -25.41 8.67
CA ASP B 66 -0.01 -24.32 9.15
C ASP B 66 0.85 -23.09 9.44
N VAL B 67 0.49 -21.96 8.84
CA VAL B 67 1.14 -20.68 9.15
C VAL B 67 0.06 -19.66 9.56
N LYS B 68 0.44 -18.63 10.32
CA LYS B 68 -0.47 -17.54 10.70
C LYS B 68 0.21 -16.19 10.42
N CYS B 69 -0.57 -15.17 10.11
CA CYS B 69 -0.02 -13.83 9.94
C CYS B 69 0.16 -13.17 11.31
N PHE B 70 1.32 -12.55 11.54
CA PHE B 70 1.57 -11.90 12.84
C PHE B 70 0.61 -10.74 13.12
N CYS B 71 0.02 -10.16 12.08
CA CYS B 71 -0.76 -8.93 12.24
C CYS B 71 -2.26 -9.22 12.37
N CYS B 72 -2.84 -9.90 11.37
CA CYS B 72 -4.31 -10.14 11.35
C CYS B 72 -4.71 -11.50 11.94
N ASP B 73 -3.72 -12.34 12.25
CA ASP B 73 -3.93 -13.69 12.81
C ASP B 73 -4.62 -14.65 11.83
N GLY B 74 -4.62 -14.29 10.54
CA GLY B 74 -5.13 -15.16 9.48
C GLY B 74 -4.28 -16.41 9.39
N GLY B 75 -4.92 -17.58 9.32
CA GLY B 75 -4.19 -18.85 9.16
C GLY B 75 -4.34 -19.42 7.77
N LEU B 76 -3.25 -19.98 7.24
CA LEU B 76 -3.32 -20.66 5.94
C LEU B 76 -2.62 -22.01 6.03
N ARG B 77 -3.12 -22.97 5.27
CA ARG B 77 -2.51 -24.30 5.24
C ARG B 77 -2.70 -24.92 3.86
N CYS B 78 -2.13 -26.13 3.68
CA CYS B 78 -2.27 -26.91 2.44
C CYS B 78 -1.80 -26.16 1.20
N TRP B 79 -0.57 -25.66 1.32
CA TRP B 79 0.16 -24.94 0.28
C TRP B 79 0.45 -25.85 -0.91
N GLU B 80 0.17 -25.35 -2.11
CA GLU B 80 0.37 -26.06 -3.40
C GLU B 80 1.51 -25.44 -4.21
N SER B 81 2.11 -26.22 -5.13
CA SER B 81 3.12 -25.69 -6.08
C SER B 81 2.54 -24.55 -6.90
N GLY B 82 3.25 -23.38 -6.87
CA GLY B 82 2.78 -22.17 -7.55
C GLY B 82 2.03 -21.14 -6.70
N ASP B 83 1.68 -21.49 -5.45
CA ASP B 83 1.05 -20.54 -4.52
C ASP B 83 1.97 -19.36 -4.26
N ASP B 84 1.37 -18.17 -4.22
CA ASP B 84 2.09 -16.93 -3.93
C ASP B 84 1.51 -16.43 -2.61
N PRO B 85 2.31 -16.43 -1.53
CA PRO B 85 1.77 -16.09 -0.23
C PRO B 85 1.11 -14.70 -0.18
N TRP B 86 1.61 -13.72 -0.93
CA TRP B 86 0.96 -12.38 -0.91
C TRP B 86 -0.43 -12.44 -1.50
N VAL B 87 -0.60 -13.25 -2.55
CA VAL B 87 -1.91 -13.35 -3.19
C VAL B 87 -2.89 -14.03 -2.24
N GLU B 88 -2.46 -15.12 -1.61
CA GLU B 88 -3.28 -15.83 -0.65
C GLU B 88 -3.69 -14.93 0.52
N HIS B 89 -2.76 -14.12 1.02
CA HIS B 89 -3.04 -13.17 2.09
C HIS B 89 -4.16 -12.22 1.70
N ALA B 90 -4.11 -11.70 0.47
CA ALA B 90 -5.10 -10.73 0.01
C ALA B 90 -6.45 -11.38 -0.32
N LYS B 91 -6.38 -12.65 -0.72
CA LYS B 91 -7.58 -13.39 -1.13
C LYS B 91 -8.45 -13.65 0.10
N TRP B 92 -7.81 -14.02 1.21
CA TRP B 92 -8.57 -14.43 2.39
C TRP B 92 -8.62 -13.45 3.51
N PHE B 93 -7.64 -12.54 3.59
CA PHE B 93 -7.60 -11.58 4.71
C PHE B 93 -7.37 -10.16 4.20
N PRO B 94 -8.29 -9.66 3.36
CA PRO B 94 -8.05 -8.42 2.64
C PRO B 94 -7.99 -7.18 3.55
N ARG B 95 -8.48 -7.29 4.79
CA ARG B 95 -8.48 -6.10 5.69
C ARG B 95 -7.19 -6.02 6.54
N CYS B 96 -6.28 -6.96 6.36
CA CYS B 96 -5.04 -6.97 7.15
C CYS B 96 -4.26 -5.67 6.92
N GLU B 97 -3.94 -4.97 8.02
CA GLU B 97 -3.21 -3.71 7.90
C GLU B 97 -1.73 -3.88 7.43
N PHE B 98 -1.05 -4.94 7.83
CA PHE B 98 0.30 -5.22 7.29
C PHE B 98 0.28 -5.43 5.79
N LEU B 99 -0.62 -6.31 5.33
CA LEU B 99 -0.83 -6.47 3.87
C LEU B 99 -1.07 -5.12 3.15
N ILE B 100 -1.97 -4.31 3.67
CA ILE B 100 -2.30 -3.02 3.06
C ILE B 100 -1.07 -2.11 2.99
N ARG B 101 -0.31 -2.06 4.09
CA ARG B 101 0.85 -1.18 4.10
C ARG B 101 1.98 -1.68 3.19
N MET B 102 2.08 -2.98 3.00
CA MET B 102 3.17 -3.52 2.18
C MET B 102 2.83 -3.47 0.69
N LYS B 103 1.59 -3.83 0.36
CA LYS B 103 1.18 -4.04 -1.05
C LYS B 103 0.23 -3.00 -1.58
N GLY B 104 -0.49 -2.33 -0.68
CA GLY B 104 -1.38 -1.23 -1.10
C GLY B 104 -2.79 -1.74 -1.27
N GLN B 105 -3.76 -0.87 -0.98
CA GLN B 105 -5.19 -1.15 -1.15
C GLN B 105 -5.54 -1.51 -2.61
N GLU B 106 -4.83 -0.93 -3.57
CA GLU B 106 -5.07 -1.23 -4.98
C GLU B 106 -4.81 -2.70 -5.35
N PHE B 107 -3.69 -3.24 -4.89
CA PHE B 107 -3.36 -4.68 -5.04
C PHE B 107 -4.44 -5.54 -4.42
N VAL B 108 -4.87 -5.21 -3.19
CA VAL B 108 -5.89 -5.99 -2.51
C VAL B 108 -7.23 -5.97 -3.28
N ASP B 109 -7.67 -4.79 -3.68
CA ASP B 109 -8.92 -4.64 -4.43
C ASP B 109 -8.93 -5.56 -5.65
N GLU B 110 -7.82 -5.56 -6.38
CA GLU B 110 -7.68 -6.39 -7.58
C GLU B 110 -7.78 -7.88 -7.30
N ILE B 111 -7.09 -8.35 -6.27
CA ILE B 111 -7.20 -9.76 -5.86
C ILE B 111 -8.66 -10.10 -5.47
N GLN B 112 -9.35 -9.14 -4.87
CA GLN B 112 -10.76 -9.27 -4.50
C GLN B 112 -11.71 -9.11 -5.71
N GLY B 113 -11.17 -8.94 -6.91
CA GLY B 113 -12.01 -8.83 -8.11
C GLY B 113 -12.72 -7.50 -8.25
N ARG B 114 -12.15 -6.45 -7.66
CA ARG B 114 -12.69 -5.11 -7.73
C ARG B 114 -11.76 -4.28 -8.60
N TYR B 115 -12.28 -3.80 -9.72
CA TYR B 115 -11.49 -3.07 -10.69
C TYR B 115 -11.98 -1.63 -10.80
ZN ZN C . 0.61 12.76 1.00
N40 1AQ D . 6.56 17.64 -12.42
C41 1AQ D . 7.39 18.39 -13.39
C37 1AQ D . 6.12 18.48 -11.28
C39 1AQ D . 4.96 17.81 -10.50
C35 1AQ D . 7.25 18.76 -10.31
O36 1AQ D . 8.17 17.98 -10.17
C30 1AQ D . 7.59 20.46 -7.32
O31 1AQ D . 6.40 20.71 -7.33
C32 1AQ D . 8.28 20.25 -8.64
N34 1AQ D . 7.23 19.90 -9.59
C42 1AQ D . 9.08 21.47 -9.07
C43 1AQ D . 9.77 21.17 -10.40
C44 1AQ D . 10.67 22.36 -10.79
C45 1AQ D . 9.84 23.65 -10.88
F46 1AQ D . 10.73 24.73 -11.08
F47 1AQ D . 8.97 23.56 -11.97
C48 1AQ D . 9.02 23.93 -9.59
C49 1AQ D . 8.16 22.71 -9.22
C1 1AQ D . 14.17 20.85 -0.70
C2 1AQ D . 13.38 19.71 -1.36
O3 1AQ D . 12.50 20.25 -2.36
C4 1AQ D . 11.66 19.30 -3.01
C6 1AQ D . 11.61 19.57 -4.54
C7 1AQ D . 10.11 19.40 -4.84
C9 1AQ D . 9.72 20.12 -6.12
N10 1AQ D . 8.24 20.37 -6.15
C11 1AQ D . 7.47 20.62 -4.92
C13 1AQ D . 8.06 19.96 -3.66
N14 1AQ D . 9.51 20.08 -3.68
C15 1AQ D . 10.20 19.47 -2.54
C16 1AQ D . 7.33 22.10 -4.72
O17 1AQ D . 8.10 22.86 -5.31
N18 1AQ D . 6.34 22.55 -3.94
C19 1AQ D . 6.09 23.98 -3.72
C21 1AQ D . 6.99 24.53 -2.60
C22 1AQ D . 6.32 24.43 -1.22
O23 1AQ D . 5.05 25.09 -1.27
C24 1AQ D . 4.17 24.68 -2.22
C25 1AQ D . 2.80 24.81 -1.98
C26 1AQ D . 1.89 24.38 -2.94
C27 1AQ D . 2.35 23.83 -4.13
C28 1AQ D . 3.70 23.70 -4.38
C29 1AQ D . 4.61 24.13 -3.42
ZN ZN E . -2.33 -10.46 7.78
N40 1AQ F . -3.51 -22.92 -1.38
C41 1AQ F . -3.94 -24.26 -1.83
C37 1AQ F . -3.61 -22.79 0.08
C39 1AQ F . -2.69 -21.66 0.59
C35 1AQ F . -5.00 -22.48 0.53
O36 1AQ F . -5.74 -21.80 -0.17
C30 1AQ F . -6.70 -22.01 3.52
O31 1AQ F . -5.67 -22.10 4.17
C32 1AQ F . -6.79 -22.72 2.20
N34 1AQ F . -5.44 -22.97 1.69
C42 1AQ F . -7.55 -24.05 2.41
C43 1AQ F . -7.69 -24.83 1.09
C44 1AQ F . -8.57 -26.07 1.34
C45 1AQ F . -7.93 -26.98 2.42
F46 1AQ F . -8.74 -28.10 2.68
F47 1AQ F . -6.72 -27.41 1.92
C48 1AQ F . -7.72 -26.20 3.73
C49 1AQ F . -6.88 -24.93 3.47
C1 1AQ F . -15.12 -18.62 4.29
C2 1AQ F . -13.96 -18.42 5.27
O3 1AQ F . -12.92 -19.32 4.91
C4 1AQ F . -11.81 -18.76 4.21
C6 1AQ F . -11.18 -19.77 3.20
C7 1AQ F . -9.69 -19.85 3.63
C9 1AQ F . -9.05 -21.20 3.31
N10 1AQ F . -7.74 -21.32 4.04
C11 1AQ F . -7.58 -20.71 5.37
C13 1AQ F . -8.46 -19.49 5.68
N14 1AQ F . -9.79 -19.66 5.09
C15 1AQ F . -10.67 -18.51 5.23
C16 1AQ F . -7.81 -21.80 6.39
O17 1AQ F . -8.46 -22.80 6.12
N18 1AQ F . -7.25 -21.62 7.60
C19 1AQ F . -7.35 -22.58 8.70
C21 1AQ F . -8.62 -22.27 9.51
C22 1AQ F . -8.39 -21.48 10.80
O23 1AQ F . -7.33 -22.10 11.55
C24 1AQ F . -6.15 -22.24 10.91
C25 1AQ F . -4.97 -22.13 11.66
C26 1AQ F . -3.75 -22.26 11.02
C27 1AQ F . -3.69 -22.48 9.66
C28 1AQ F . -4.85 -22.59 8.91
C29 1AQ F . -6.09 -22.46 9.54
#